data_9BL8
#
_entry.id   9BL8
#
_cell.length_a   20.699
_cell.length_b   42.939
_cell.length_c   96.463
_cell.angle_alpha   90.000
_cell.angle_beta   90.000
_cell.angle_gamma   90.000
#
_symmetry.space_group_name_H-M   'P 21 21 21'
#
loop_
_entity.id
_entity.type
_entity.pdbx_description
1 polymer 'Vacuolar protein sorting-associated protein 4'
2 non-polymer 'CHLORIDE ION'
3 water water
#
_entity_poly.entity_id   1
_entity_poly.type   'polypeptide(L)'
_entity_poly.pdbx_seq_one_letter_code
;GMSTGDFCTKGIELVQKAIDLDTATQYEEAYTAYYNGLDYLMLCLKYEKNPKSKDLIRAKFTEYLNRAEQLKKHLESEEA
NAA
;
_entity_poly.pdbx_strand_id   A
#
loop_
_chem_comp.id
_chem_comp.type
_chem_comp.name
_chem_comp.formula
CL non-polymer 'CHLORIDE ION' 'Cl -1'
#
# COMPACT_ATOMS: atom_id res chain seq x y z
N GLY A 1 -1.59 8.53 -23.26
CA GLY A 1 -2.01 7.70 -22.15
C GLY A 1 -0.99 7.65 -21.03
N MET A 2 -1.29 6.84 -20.02
CA MET A 2 -0.43 6.75 -18.84
CA MET A 2 -0.43 6.75 -18.84
C MET A 2 0.88 6.05 -19.17
N SER A 3 1.98 6.67 -18.77
CA SER A 3 3.30 6.07 -18.85
C SER A 3 3.51 5.15 -17.64
N THR A 4 4.59 4.36 -17.71
CA THR A 4 5.01 3.60 -16.54
C THR A 4 5.16 4.50 -15.34
N GLY A 5 5.84 5.63 -15.53
CA GLY A 5 6.01 6.59 -14.44
C GLY A 5 4.70 7.06 -13.85
N ASP A 6 3.68 7.23 -14.70
CA ASP A 6 2.37 7.64 -14.19
C ASP A 6 1.76 6.55 -13.30
N PHE A 7 1.91 5.27 -13.67
CA PHE A 7 1.42 4.20 -12.80
C PHE A 7 2.17 4.19 -11.47
N CYS A 8 3.50 4.35 -11.53
CA CYS A 8 4.29 4.43 -10.31
CA CYS A 8 4.28 4.42 -10.31
C CYS A 8 3.79 5.56 -9.41
N THR A 9 3.58 6.73 -10.00
CA THR A 9 3.15 7.89 -9.22
C THR A 9 1.79 7.67 -8.57
N LYS A 10 0.86 7.05 -9.28
CA LYS A 10 -0.44 6.76 -8.68
CA LYS A 10 -0.43 6.77 -8.67
C LYS A 10 -0.27 5.84 -7.47
N GLY A 11 0.62 4.86 -7.58
CA GLY A 11 0.85 3.99 -6.44
C GLY A 11 1.45 4.72 -5.25
N ILE A 12 2.42 5.61 -5.52
CA ILE A 12 3.02 6.41 -4.45
C ILE A 12 1.97 7.26 -3.78
N GLU A 13 1.10 7.91 -4.59
CA GLU A 13 0.03 8.74 -4.02
C GLU A 13 -0.93 7.94 -3.15
N LEU A 14 -1.30 6.73 -3.58
CA LEU A 14 -2.22 5.93 -2.81
C LEU A 14 -1.58 5.46 -1.51
N VAL A 15 -0.28 5.11 -1.56
CA VAL A 15 0.42 4.71 -0.34
C VAL A 15 0.54 5.90 0.61
N GLN A 16 0.76 7.11 0.08
CA GLN A 16 0.80 8.27 0.94
C GLN A 16 -0.55 8.49 1.61
N LYS A 17 -1.64 8.32 0.86
CA LYS A 17 -2.97 8.38 1.45
C LYS A 17 -3.11 7.38 2.58
N ALA A 18 -2.67 6.14 2.32
CA ALA A 18 -2.72 5.08 3.34
C ALA A 18 -1.92 5.46 4.58
N ILE A 19 -0.70 5.95 4.39
CA ILE A 19 0.14 6.35 5.51
C ILE A 19 -0.56 7.40 6.36
N ASP A 20 -1.15 8.40 5.70
CA ASP A 20 -1.85 9.45 6.42
C ASP A 20 -3.04 8.91 7.19
N LEU A 21 -3.86 8.08 6.53
CA LEU A 21 -5.01 7.47 7.20
C LEU A 21 -4.57 6.59 8.37
N ASP A 22 -3.46 5.84 8.18
CA ASP A 22 -2.86 5.02 9.23
C ASP A 22 -2.47 5.89 10.43
N THR A 23 -1.74 6.97 10.18
CA THR A 23 -1.37 7.88 11.27
C THR A 23 -2.61 8.39 11.99
N ALA A 24 -3.69 8.63 11.25
CA ALA A 24 -4.95 9.12 11.82
C ALA A 24 -5.79 8.03 12.47
N THR A 25 -5.29 6.79 12.46
CA THR A 25 -5.91 5.60 13.05
C THR A 25 -7.16 5.14 12.31
N GLN A 26 -7.33 5.57 11.06
CA GLN A 26 -8.44 5.13 10.22
C GLN A 26 -8.05 3.83 9.50
N TYR A 27 -7.97 2.75 10.29
CA TYR A 27 -7.25 1.57 9.83
C TYR A 27 -7.96 0.85 8.69
N GLU A 28 -9.30 0.82 8.69
CA GLU A 28 -10.02 0.15 7.60
CA GLU A 28 -10.02 0.15 7.60
C GLU A 28 -9.71 0.81 6.27
N GLU A 29 -9.80 2.15 6.22
CA GLU A 29 -9.56 2.87 4.98
C GLU A 29 -8.08 2.91 4.64
N ALA A 30 -7.21 2.91 5.65
CA ALA A 30 -5.78 2.82 5.37
C ALA A 30 -5.44 1.48 4.72
N TYR A 31 -5.99 0.39 5.25
CA TYR A 31 -5.74 -0.91 4.63
C TYR A 31 -6.15 -0.92 3.16
N THR A 32 -7.33 -0.39 2.84
CA THR A 32 -7.81 -0.36 1.46
C THR A 32 -6.87 0.45 0.59
N ALA A 33 -6.40 1.60 1.10
CA ALA A 33 -5.50 2.43 0.30
C ALA A 33 -4.15 1.74 0.10
N TYR A 34 -3.63 1.06 1.13
CA TYR A 34 -2.40 0.30 0.93
C TYR A 34 -2.59 -0.76 -0.15
N TYR A 35 -3.69 -1.52 -0.07
CA TYR A 35 -3.97 -2.57 -1.05
C TYR A 35 -3.93 -2.00 -2.46
N ASN A 36 -4.67 -0.91 -2.67
CA ASN A 36 -4.78 -0.34 -4.00
C ASN A 36 -3.45 0.26 -4.47
N GLY A 37 -2.72 0.93 -3.57
CA GLY A 37 -1.42 1.46 -3.94
C GLY A 37 -0.41 0.38 -4.26
N LEU A 38 -0.42 -0.70 -3.48
CA LEU A 38 0.51 -1.79 -3.71
C LEU A 38 0.29 -2.45 -5.07
N ASP A 39 -0.96 -2.52 -5.54
CA ASP A 39 -1.21 -3.03 -6.88
C ASP A 39 -0.52 -2.16 -7.94
N TYR A 40 -0.61 -0.83 -7.81
CA TYR A 40 0.10 0.04 -8.74
C TYR A 40 1.62 -0.13 -8.63
N LEU A 41 2.13 -0.32 -7.41
CA LEU A 41 3.57 -0.49 -7.27
C LEU A 41 4.04 -1.80 -7.89
N MET A 42 3.21 -2.85 -7.84
CA MET A 42 3.58 -4.09 -8.51
C MET A 42 3.65 -3.89 -10.01
N LEU A 43 2.69 -3.15 -10.56
CA LEU A 43 2.71 -2.85 -11.98
C LEU A 43 3.93 -2.01 -12.32
N CYS A 44 4.23 -1.00 -11.49
CA CYS A 44 5.43 -0.19 -11.66
C CYS A 44 6.67 -1.07 -11.74
N LEU A 45 6.84 -1.98 -10.78
CA LEU A 45 8.03 -2.83 -10.76
C LEU A 45 8.16 -3.65 -12.04
N LYS A 46 7.05 -4.19 -12.54
CA LYS A 46 7.10 -5.04 -13.73
C LYS A 46 7.60 -4.28 -14.96
N TYR A 47 7.25 -3.00 -15.08
CA TYR A 47 7.57 -2.26 -16.28
C TYR A 47 8.69 -1.23 -16.11
N GLU A 48 9.11 -0.98 -14.88
CA GLU A 48 10.12 0.07 -14.64
C GLU A 48 11.42 -0.25 -15.35
N LYS A 49 11.98 0.78 -16.00
CA LYS A 49 13.25 0.64 -16.68
C LYS A 49 14.40 1.35 -15.98
N ASN A 50 14.13 2.20 -15.01
CA ASN A 50 15.20 2.84 -14.26
C ASN A 50 15.60 1.96 -13.10
N PRO A 51 16.84 1.46 -13.04
CA PRO A 51 17.20 0.48 -11.98
C PRO A 51 17.16 1.03 -10.57
N LYS A 52 17.50 2.32 -10.39
CA LYS A 52 17.48 2.90 -9.05
C LYS A 52 16.06 3.06 -8.56
N SER A 53 15.19 3.60 -9.42
CA SER A 53 13.77 3.71 -9.09
C SER A 53 13.19 2.34 -8.76
N LYS A 54 13.53 1.32 -9.57
CA LYS A 54 13.02 -0.01 -9.30
C LYS A 54 13.45 -0.52 -7.95
N ASP A 55 14.73 -0.33 -7.60
CA ASP A 55 15.19 -0.79 -6.29
C ASP A 55 14.47 -0.06 -5.15
N LEU A 56 14.27 1.25 -5.27
CA LEU A 56 13.59 2.00 -4.21
C LEU A 56 12.14 1.57 -4.10
N ILE A 57 11.45 1.43 -5.23
CA ILE A 57 10.03 1.05 -5.20
C ILE A 57 9.87 -0.35 -4.64
N ARG A 58 10.80 -1.26 -4.93
CA ARG A 58 10.70 -2.61 -4.40
C ARG A 58 10.79 -2.58 -2.88
N ALA A 59 11.70 -1.78 -2.33
CA ALA A 59 11.82 -1.65 -0.89
C ALA A 59 10.56 -1.07 -0.26
N LYS A 60 9.94 -0.09 -0.92
CA LYS A 60 8.70 0.47 -0.41
C LYS A 60 7.57 -0.56 -0.51
N PHE A 61 7.54 -1.33 -1.60
CA PHE A 61 6.52 -2.35 -1.74
C PHE A 61 6.56 -3.32 -0.56
N THR A 62 7.73 -3.84 -0.23
CA THR A 62 7.80 -4.81 0.86
CA THR A 62 7.83 -4.80 0.87
C THR A 62 7.45 -4.15 2.19
N GLU A 63 7.93 -2.93 2.43
CA GLU A 63 7.62 -2.21 3.66
C GLU A 63 6.11 -2.06 3.86
N TYR A 64 5.41 -1.58 2.84
CA TYR A 64 3.99 -1.29 3.00
C TYR A 64 3.10 -2.53 2.84
N LEU A 65 3.56 -3.57 2.13
CA LEU A 65 2.86 -4.86 2.20
C LEU A 65 2.88 -5.39 3.63
N ASN A 66 4.03 -5.33 4.29
CA ASN A 66 4.08 -5.78 5.67
CA ASN A 66 4.10 -5.78 5.67
C ASN A 66 3.17 -4.95 6.56
N ARG A 67 3.18 -3.63 6.39
CA ARG A 67 2.29 -2.79 7.20
C ARG A 67 0.82 -3.13 6.93
N ALA A 68 0.46 -3.34 5.67
CA ALA A 68 -0.91 -3.70 5.34
C ALA A 68 -1.31 -5.00 6.00
N GLU A 69 -0.40 -6.00 6.02
CA GLU A 69 -0.70 -7.25 6.71
C GLU A 69 -0.93 -7.04 8.19
N GLN A 70 -0.14 -6.15 8.81
CA GLN A 70 -0.34 -5.82 10.23
C GLN A 70 -1.71 -5.20 10.46
N LEU A 71 -2.11 -4.25 9.61
CA LEU A 71 -3.44 -3.65 9.75
C LEU A 71 -4.55 -4.67 9.54
N LYS A 72 -4.41 -5.57 8.55
CA LYS A 72 -5.43 -6.58 8.32
CA LYS A 72 -5.43 -6.58 8.32
C LYS A 72 -5.62 -7.45 9.57
N LYS A 73 -4.52 -7.89 10.18
CA LYS A 73 -4.63 -8.70 11.39
C LYS A 73 -5.27 -7.92 12.52
N HIS A 74 -4.92 -6.64 12.66
CA HIS A 74 -5.53 -5.79 13.68
C HIS A 74 -7.03 -5.69 13.47
N LEU A 75 -7.46 -5.45 12.23
CA LEU A 75 -8.88 -5.33 11.92
C LEU A 75 -9.60 -6.64 12.22
N GLU A 76 -8.98 -7.77 11.88
CA GLU A 76 -9.59 -9.08 12.15
C GLU A 76 -9.70 -9.34 13.64
N SER A 77 -8.67 -8.93 14.39
CA SER A 77 -8.72 -9.07 15.85
CA SER A 77 -8.72 -9.07 15.85
C SER A 77 -9.83 -8.21 16.45
N GLU A 78 -9.97 -6.99 15.96
CA GLU A 78 -11.03 -6.11 16.45
CA GLU A 78 -11.03 -6.12 16.46
C GLU A 78 -12.40 -6.73 16.19
N GLU A 79 -12.59 -7.31 15.00
CA GLU A 79 -13.88 -7.93 14.69
CA GLU A 79 -13.88 -7.93 14.69
C GLU A 79 -14.16 -9.10 15.61
N ALA A 80 -13.15 -9.95 15.84
CA ALA A 80 -13.33 -11.10 16.73
C ALA A 80 -13.65 -10.63 18.16
N ASN A 81 -12.95 -9.60 18.63
CA ASN A 81 -13.15 -9.13 19.99
C ASN A 81 -14.54 -8.51 20.18
N ALA A 82 -15.08 -7.91 19.12
CA ALA A 82 -16.36 -7.23 19.22
C ALA A 82 -17.53 -8.19 19.16
N ALA A 83 -17.32 -9.41 18.66
N ALA A 83 -17.32 -9.41 18.66
CA ALA A 83 -18.39 -10.38 18.53
C ALA A 83 -18.72 -11.05 19.85
CL CL B . -8.24 3.68 -1.74
#